data_1I6Y
#
_entry.id   1I6Y
#
_entity_poly.entity_id   1
_entity_poly.type   'polypeptide(L)'
_entity_poly.pdbx_seq_one_letter_code
;(ACE)CRVVRGDYLDC(NH2)
;
_entity_poly.pdbx_strand_id   A
#
loop_
_chem_comp.id
_chem_comp.type
_chem_comp.name
_chem_comp.formula
ACE non-polymer 'ACETYL GROUP' 'C2 H4 O'
NH2 non-polymer 'AMINO GROUP' 'H2 N'
#
# COMPACT_ATOMS: atom_id res chain seq x y z
C ACE A 1 -3.19 3.48 6.60
O ACE A 1 -2.68 2.39 6.81
CH3 ACE A 1 -3.96 4.22 7.68
H1 ACE A 1 -4.27 3.53 8.44
H2 ACE A 1 -4.82 4.70 7.25
H3 ACE A 1 -3.32 4.98 8.13
N CYS A 2 -3.11 4.04 5.42
CA CYS A 2 -2.39 3.36 4.32
C CYS A 2 -1.48 4.35 3.58
N ARG A 3 -0.26 3.96 3.30
CA ARG A 3 0.66 4.86 2.55
C ARG A 3 0.49 4.59 1.05
N VAL A 4 1.39 3.91 0.42
CA VAL A 4 1.20 3.62 -1.03
C VAL A 4 1.66 2.18 -1.33
N VAL A 5 1.55 1.72 -2.55
CA VAL A 5 1.91 0.30 -2.83
C VAL A 5 3.33 0.11 -3.33
N ARG A 6 4.04 1.16 -3.58
CA ARG A 6 5.44 0.95 -4.06
C ARG A 6 6.25 0.42 -2.90
N GLY A 7 6.05 -0.85 -2.61
CA GLY A 7 6.72 -1.48 -1.45
C GLY A 7 6.21 -0.76 -0.21
N ASP A 8 4.96 -0.34 -0.22
CA ASP A 8 4.47 0.42 0.99
C ASP A 8 3.01 0.13 1.39
N TYR A 9 2.25 -0.56 0.59
CA TYR A 9 0.82 -0.78 0.95
C TYR A 9 0.65 -1.95 1.89
N LEU A 10 -0.43 -1.92 2.61
CA LEU A 10 -0.72 -3.03 3.58
C LEU A 10 -1.74 -4.00 2.98
N ASP A 11 -2.99 -3.90 3.36
CA ASP A 11 -4.03 -4.81 2.81
C ASP A 11 -5.25 -3.99 2.34
N CYS A 12 -5.10 -2.70 2.22
CA CYS A 12 -6.24 -1.86 1.76
C CYS A 12 -6.09 -1.55 0.26
N NH2 A 13 -5.28 -2.27 -0.47
HN1 NH2 A 13 -4.76 -2.99 -0.06
HN2 NH2 A 13 -5.19 -2.09 -1.42
C ACE A 1 -6.15 -4.98 0.58
O ACE A 1 -5.07 -5.26 1.05
CH3 ACE A 1 -7.05 -6.06 -0.01
H1 ACE A 1 -8.04 -5.66 -0.16
H2 ACE A 1 -7.11 -6.90 0.67
H3 ACE A 1 -6.65 -6.40 -0.95
N CYS A 2 -6.60 -3.75 0.56
CA CYS A 2 -5.77 -2.63 1.12
C CYS A 2 -4.39 -2.59 0.44
N ARG A 3 -4.18 -1.62 -0.41
CA ARG A 3 -2.86 -1.51 -1.11
C ARG A 3 -2.56 -0.05 -1.45
N VAL A 4 -1.40 0.44 -1.06
CA VAL A 4 -1.05 1.86 -1.37
C VAL A 4 -0.02 1.92 -2.51
N VAL A 5 1.24 1.99 -2.18
CA VAL A 5 2.28 2.05 -3.25
C VAL A 5 3.20 0.82 -3.19
N ARG A 6 4.18 0.75 -4.05
CA ARG A 6 5.07 -0.45 -4.08
C ARG A 6 6.07 -0.43 -2.93
N GLY A 7 6.26 0.67 -2.30
CA GLY A 7 7.21 0.72 -1.15
C GLY A 7 6.58 -0.03 0.02
N ASP A 8 5.27 -0.04 0.09
CA ASP A 8 4.59 -0.74 1.22
C ASP A 8 3.14 -1.04 0.85
N TYR A 9 2.87 -2.12 0.15
CA TYR A 9 1.45 -2.41 -0.24
C TYR A 9 0.71 -3.15 0.87
N LEU A 10 0.37 -2.45 1.93
CA LEU A 10 -0.39 -3.08 3.04
C LEU A 10 -1.31 -2.07 3.73
N ASP A 11 -1.54 -0.94 3.12
CA ASP A 11 -2.42 0.09 3.73
C ASP A 11 -3.83 0.02 3.15
N CYS A 12 -4.81 0.53 3.85
CA CYS A 12 -6.21 0.48 3.33
C CYS A 12 -6.60 1.85 2.74
N NH2 A 13 -5.90 2.90 3.05
HN1 NH2 A 13 -5.12 2.82 3.65
HN2 NH2 A 13 -6.13 3.77 2.67
C ACE A 1 -7.80 1.72 2.99
O ACE A 1 -6.65 1.64 3.42
CH3 ACE A 1 -8.76 2.78 3.50
H1 ACE A 1 -9.68 2.73 2.93
H2 ACE A 1 -8.33 3.76 3.39
H3 ACE A 1 -8.97 2.60 4.54
N CYS A 2 -8.22 0.89 2.08
CA CYS A 2 -7.32 -0.17 1.54
C CYS A 2 -6.51 0.37 0.35
N ARG A 3 -5.42 1.03 0.62
CA ARG A 3 -4.59 1.58 -0.49
C ARG A 3 -3.24 0.86 -0.54
N VAL A 4 -2.51 0.99 -1.61
CA VAL A 4 -1.19 0.30 -1.69
C VAL A 4 -0.12 1.20 -2.30
N VAL A 5 1.11 0.90 -2.03
CA VAL A 5 2.24 1.68 -2.61
C VAL A 5 3.32 0.68 -3.01
N ARG A 6 4.11 0.98 -4.00
CA ARG A 6 5.16 -0.01 -4.38
C ARG A 6 6.31 0.08 -3.39
N GLY A 7 6.12 -0.55 -2.26
CA GLY A 7 7.13 -0.53 -1.16
C GLY A 7 6.38 -0.53 0.16
N ASP A 8 5.25 0.12 0.18
CA ASP A 8 4.42 0.15 1.40
C ASP A 8 3.07 -0.49 1.06
N TYR A 9 3.06 -1.76 0.78
CA TYR A 9 1.79 -2.42 0.39
C TYR A 9 0.95 -2.67 1.64
N LEU A 10 0.39 -1.63 2.21
CA LEU A 10 -0.46 -1.80 3.41
C LEU A 10 -1.92 -1.79 2.95
N ASP A 11 -2.20 -2.42 1.84
CA ASP A 11 -3.59 -2.43 1.30
C ASP A 11 -4.40 -3.54 1.97
N CYS A 12 -4.53 -3.44 3.27
CA CYS A 12 -5.30 -4.45 4.07
C CYS A 12 -5.26 -5.84 3.44
N NH2 A 13 -4.13 -6.30 2.99
HN1 NH2 A 13 -3.32 -5.75 3.03
HN2 NH2 A 13 -4.08 -7.21 2.62
C ACE A 1 -7.46 -3.07 -0.64
O ACE A 1 -6.45 -3.28 -1.29
CH3 ACE A 1 -8.81 -3.61 -1.12
H1 ACE A 1 -9.55 -3.45 -0.35
H2 ACE A 1 -8.73 -4.67 -1.33
H3 ACE A 1 -9.11 -3.08 -2.01
N CYS A 2 -7.43 -2.38 0.47
CA CYS A 2 -6.14 -1.83 0.97
C CYS A 2 -5.51 -0.93 -0.09
N ARG A 3 -4.34 -0.40 0.16
CA ARG A 3 -3.70 0.47 -0.85
C ARG A 3 -2.68 -0.36 -1.64
N VAL A 4 -2.10 0.20 -2.66
CA VAL A 4 -1.11 -0.57 -3.45
C VAL A 4 0.09 0.30 -3.85
N VAL A 5 0.77 0.87 -2.89
CA VAL A 5 1.97 1.69 -3.23
C VAL A 5 3.17 0.75 -3.21
N ARG A 6 4.02 0.86 -4.19
CA ARG A 6 5.18 -0.08 -4.26
C ARG A 6 6.21 0.24 -3.19
N GLY A 7 6.32 -0.66 -2.24
CA GLY A 7 7.28 -0.48 -1.12
C GLY A 7 6.54 -0.75 0.20
N ASP A 8 5.34 -0.27 0.33
CA ASP A 8 4.57 -0.50 1.58
C ASP A 8 3.08 -0.30 1.33
N TYR A 9 2.38 -1.34 0.96
CA TYR A 9 0.91 -1.19 0.68
C TYR A 9 0.09 -2.30 1.35
N LEU A 10 0.63 -2.93 2.35
CA LEU A 10 -0.13 -4.00 3.06
C LEU A 10 -0.33 -3.59 4.52
N ASP A 11 -1.06 -2.53 4.76
CA ASP A 11 -1.30 -2.08 6.17
C ASP A 11 -2.81 -2.01 6.44
N CYS A 12 -3.58 -1.53 5.50
CA CYS A 12 -5.05 -1.43 5.69
C CYS A 12 -5.37 -0.69 7.01
N NH2 A 13 -5.18 0.59 7.07
HN1 NH2 A 13 -4.83 1.09 6.30
HN2 NH2 A 13 -5.40 1.07 7.91
C ACE A 1 -4.23 4.36 4.75
O ACE A 1 -4.17 5.58 4.70
CH3 ACE A 1 -4.40 3.61 6.07
H1 ACE A 1 -5.21 2.91 5.98
H2 ACE A 1 -4.62 4.32 6.85
H3 ACE A 1 -3.49 3.09 6.30
N CYS A 2 -4.14 3.64 3.65
CA CYS A 2 -3.98 4.30 2.33
C CYS A 2 -2.76 5.23 2.32
N ARG A 3 -1.58 4.69 2.36
CA ARG A 3 -0.35 5.55 2.36
C ARG A 3 0.31 5.49 0.99
N VAL A 4 0.78 4.34 0.62
CA VAL A 4 1.44 4.19 -0.71
C VAL A 4 1.14 2.80 -1.31
N VAL A 5 1.95 2.35 -2.25
CA VAL A 5 1.69 1.02 -2.87
C VAL A 5 3.00 0.24 -3.02
N ARG A 6 3.84 0.64 -3.93
CA ARG A 6 5.13 -0.09 -4.13
C ARG A 6 6.10 0.28 -3.02
N GLY A 7 6.52 -0.72 -2.29
CA GLY A 7 7.44 -0.50 -1.15
C GLY A 7 6.61 -0.61 0.13
N ASP A 8 5.37 -0.23 0.06
CA ASP A 8 4.47 -0.32 1.24
C ASP A 8 3.02 -0.40 0.73
N TYR A 9 2.55 -1.58 0.49
CA TYR A 9 1.15 -1.75 -0.04
C TYR A 9 0.13 -1.75 1.11
N LEU A 10 -0.35 -0.59 1.48
CA LEU A 10 -1.37 -0.51 2.56
C LEU A 10 -2.66 0.12 1.99
N ASP A 11 -3.42 -0.62 1.23
CA ASP A 11 -4.66 -0.04 0.63
C ASP A 11 -5.85 -0.22 1.57
N CYS A 12 -6.82 0.66 1.47
CA CYS A 12 -8.00 0.54 2.35
C CYS A 12 -9.01 -0.45 1.75
N NH2 A 13 -8.85 -0.86 0.53
HN1 NH2 A 13 -8.10 -0.53 -0.01
HN2 NH2 A 13 -9.49 -1.49 0.14
C ACE A 1 -10.18 2.90 -1.11
O ACE A 1 -9.53 3.80 -0.62
CH3 ACE A 1 -11.59 3.14 -1.65
H1 ACE A 1 -11.74 4.20 -1.81
H2 ACE A 1 -12.32 2.77 -0.95
H3 ACE A 1 -11.71 2.61 -2.60
N CYS A 2 -9.70 1.68 -1.20
CA CYS A 2 -8.33 1.38 -0.69
C CYS A 2 -7.28 1.70 -1.77
N ARG A 3 -6.07 1.97 -1.37
CA ARG A 3 -5.00 2.29 -2.37
C ARG A 3 -3.72 1.55 -1.98
N VAL A 4 -2.76 1.48 -2.87
CA VAL A 4 -1.51 0.75 -2.52
C VAL A 4 -0.26 1.46 -3.06
N VAL A 5 0.86 1.23 -2.41
CA VAL A 5 2.14 1.85 -2.87
C VAL A 5 3.19 0.75 -3.07
N ARG A 6 4.07 0.90 -4.02
CA ARG A 6 5.10 -0.17 -4.23
C ARG A 6 6.25 0.06 -3.26
N GLY A 7 6.24 -0.69 -2.20
CA GLY A 7 7.29 -0.54 -1.15
C GLY A 7 6.57 -0.55 0.22
N ASP A 8 5.31 -0.21 0.21
CA ASP A 8 4.50 -0.20 1.47
C ASP A 8 3.06 -0.59 1.10
N TYR A 9 2.79 -1.86 1.02
CA TYR A 9 1.41 -2.30 0.62
C TYR A 9 0.43 -2.28 1.79
N LEU A 10 -0.57 -1.45 1.71
CA LEU A 10 -1.59 -1.35 2.78
C LEU A 10 -2.96 -1.14 2.13
N ASP A 11 -3.25 -1.89 1.09
CA ASP A 11 -4.55 -1.72 0.37
C ASP A 11 -5.58 -2.77 0.81
N CYS A 12 -6.14 -2.61 1.97
CA CYS A 12 -7.17 -3.57 2.46
C CYS A 12 -6.66 -5.02 2.34
N NH2 A 13 -5.43 -5.28 2.66
HN1 NH2 A 13 -4.83 -4.57 2.97
HN2 NH2 A 13 -5.09 -6.21 2.59
C ACE A 1 -8.19 0.25 2.42
O ACE A 1 -7.59 -0.56 3.11
CH3 ACE A 1 -9.02 1.36 3.07
H1 ACE A 1 -8.66 1.55 4.08
H2 ACE A 1 -10.05 1.06 3.10
H3 ACE A 1 -8.92 2.27 2.48
N CYS A 2 -8.13 0.21 1.12
CA CYS A 2 -7.34 -0.85 0.43
C CYS A 2 -6.56 -0.24 -0.73
N ARG A 3 -5.29 0.01 -0.54
CA ARG A 3 -4.46 0.58 -1.65
C ARG A 3 -3.13 -0.15 -1.72
N VAL A 4 -2.35 0.10 -2.74
CA VAL A 4 -1.04 -0.60 -2.84
C VAL A 4 0.04 0.31 -3.41
N VAL A 5 0.86 0.82 -2.55
CA VAL A 5 1.99 1.68 -2.98
C VAL A 5 3.22 0.75 -3.10
N ARG A 6 4.05 0.94 -4.10
CA ARG A 6 5.18 -0.02 -4.29
C ARG A 6 6.29 0.16 -3.25
N GLY A 7 6.27 -0.68 -2.26
CA GLY A 7 7.28 -0.64 -1.16
C GLY A 7 6.51 -0.69 0.16
N ASP A 8 5.38 -0.05 0.20
CA ASP A 8 4.53 -0.03 1.44
C ASP A 8 3.07 -0.31 1.06
N TYR A 9 2.82 -1.33 0.30
CA TYR A 9 1.40 -1.60 -0.11
C TYR A 9 0.68 -2.52 0.87
N LEU A 10 -0.11 -1.95 1.74
CA LEU A 10 -0.92 -2.75 2.70
C LEU A 10 -2.37 -2.68 2.25
N ASP A 11 -2.73 -3.42 1.23
CA ASP A 11 -4.13 -3.36 0.73
C ASP A 11 -4.99 -4.41 1.43
N CYS A 12 -6.00 -3.97 2.12
CA CYS A 12 -6.88 -4.92 2.85
C CYS A 12 -6.03 -5.74 3.84
N NH2 A 13 -4.98 -5.20 4.38
HN1 NH2 A 13 -4.73 -4.27 4.15
HN2 NH2 A 13 -4.43 -5.71 5.01
C ACE A 1 -4.61 3.33 4.37
O ACE A 1 -5.20 4.29 3.92
CH3 ACE A 1 -4.04 3.35 5.78
H1 ACE A 1 -2.98 3.56 5.73
H2 ACE A 1 -4.20 2.40 6.26
H3 ACE A 1 -4.52 4.13 6.36
N CYS A 2 -4.45 2.24 3.68
CA CYS A 2 -4.99 2.12 2.28
C CYS A 2 -4.57 3.34 1.44
N ARG A 3 -3.35 3.78 1.57
CA ARG A 3 -2.90 4.95 0.77
C ARG A 3 -1.42 4.81 0.37
N VAL A 4 -1.02 3.64 -0.04
CA VAL A 4 0.41 3.44 -0.43
C VAL A 4 0.50 2.48 -1.61
N VAL A 5 1.66 2.34 -2.21
CA VAL A 5 1.78 1.42 -3.38
C VAL A 5 3.01 0.49 -3.23
N ARG A 6 3.93 0.52 -4.17
CA ARG A 6 5.10 -0.39 -4.07
C ARG A 6 6.08 0.13 -3.03
N GLY A 7 6.54 -0.76 -2.20
CA GLY A 7 7.47 -0.38 -1.10
C GLY A 7 6.68 -0.53 0.20
N ASP A 8 5.41 -0.22 0.15
CA ASP A 8 4.55 -0.37 1.36
C ASP A 8 3.11 -0.67 0.91
N TYR A 9 2.84 -1.88 0.51
CA TYR A 9 1.46 -2.20 0.04
C TYR A 9 0.52 -2.52 1.19
N LEU A 10 -0.42 -1.64 1.44
CA LEU A 10 -1.41 -1.85 2.53
C LEU A 10 -2.76 -1.33 2.05
N ASP A 11 -3.17 -1.74 0.88
CA ASP A 11 -4.46 -1.26 0.32
C ASP A 11 -5.61 -2.17 0.75
N CYS A 12 -6.81 -1.66 0.74
CA CYS A 12 -7.98 -2.48 1.17
C CYS A 12 -9.15 -2.29 0.21
N NH2 A 13 -9.01 -2.64 -1.05
HN1 NH2 A 13 -8.15 -3.00 -1.36
HN2 NH2 A 13 -9.75 -2.52 -1.68
C ACE A 1 -6.99 2.04 3.95
O ACE A 1 -5.86 1.77 4.30
CH3 ACE A 1 -7.77 3.19 4.61
H1 ACE A 1 -7.89 2.98 5.66
H2 ACE A 1 -8.74 3.26 4.15
H3 ACE A 1 -7.23 4.11 4.47
N CYS A 2 -7.58 1.36 3.01
CA CYS A 2 -6.88 0.25 2.33
C CYS A 2 -6.18 0.75 1.07
N ARG A 3 -4.98 1.26 1.20
CA ARG A 3 -4.24 1.78 0.02
C ARG A 3 -2.89 1.06 -0.12
N VAL A 4 -2.39 0.93 -1.32
CA VAL A 4 -1.07 0.23 -1.49
C VAL A 4 -0.06 1.11 -2.23
N VAL A 5 1.19 0.93 -1.93
CA VAL A 5 2.27 1.69 -2.63
C VAL A 5 3.34 0.69 -3.02
N ARG A 6 4.13 0.97 -4.02
CA ARG A 6 5.17 -0.01 -4.42
C ARG A 6 6.31 0.06 -3.41
N GLY A 7 6.10 -0.53 -2.27
CA GLY A 7 7.11 -0.51 -1.17
C GLY A 7 6.36 -0.50 0.16
N ASP A 8 5.23 0.16 0.17
CA ASP A 8 4.39 0.19 1.40
C ASP A 8 3.08 -0.52 1.10
N TYR A 9 3.15 -1.80 0.82
CA TYR A 9 1.91 -2.55 0.48
C TYR A 9 1.13 -2.84 1.76
N LEU A 10 0.58 -1.82 2.38
CA LEU A 10 -0.20 -2.03 3.62
C LEU A 10 -1.70 -2.06 3.30
N ASP A 11 -2.06 -2.41 2.09
CA ASP A 11 -3.51 -2.44 1.73
C ASP A 11 -4.12 -3.77 2.16
N CYS A 12 -5.38 -3.97 1.89
CA CYS A 12 -6.02 -5.26 2.29
C CYS A 12 -6.56 -6.00 1.07
N NH2 A 13 -6.01 -5.80 -0.10
HN1 NH2 A 13 -5.26 -5.17 -0.18
HN2 NH2 A 13 -6.34 -6.27 -0.88
C ACE A 1 -4.43 5.95 4.75
O ACE A 1 -5.04 6.46 3.84
CH3 ACE A 1 -4.46 6.56 6.16
H1 ACE A 1 -3.45 6.56 6.57
H2 ACE A 1 -5.11 5.96 6.79
H3 ACE A 1 -4.82 7.57 6.11
N CYS A 2 -3.71 4.87 4.58
CA CYS A 2 -3.63 4.23 3.23
C CYS A 2 -3.21 5.24 2.16
N ARG A 3 -1.94 5.42 1.96
CA ARG A 3 -1.47 6.39 0.92
C ARG A 3 -0.17 5.91 0.25
N VAL A 4 -0.04 4.62 0.04
CA VAL A 4 1.22 4.11 -0.60
C VAL A 4 0.95 2.83 -1.40
N VAL A 5 1.90 2.39 -2.19
CA VAL A 5 1.70 1.15 -3.00
C VAL A 5 2.99 0.30 -3.05
N ARG A 6 3.85 0.58 -3.98
CA ARG A 6 5.12 -0.22 -4.10
C ARG A 6 6.08 0.22 -2.99
N GLY A 7 6.58 -0.74 -2.27
CA GLY A 7 7.48 -0.43 -1.13
C GLY A 7 6.65 -0.58 0.15
N ASP A 8 5.39 -0.25 0.07
CA ASP A 8 4.48 -0.37 1.23
C ASP A 8 3.04 -0.48 0.72
N TYR A 9 2.56 -1.67 0.52
CA TYR A 9 1.16 -1.84 -0.01
C TYR A 9 0.13 -1.79 1.13
N LEU A 10 -0.47 -0.65 1.33
CA LEU A 10 -1.50 -0.53 2.39
C LEU A 10 -2.62 0.38 1.89
N ASP A 11 -3.26 0.01 0.81
CA ASP A 11 -4.35 0.87 0.27
C ASP A 11 -5.67 0.55 0.97
N CYS A 12 -6.53 1.53 1.08
CA CYS A 12 -7.84 1.29 1.77
C CYS A 12 -8.95 1.12 0.73
N NH2 A 13 -8.70 0.48 -0.37
HN1 NH2 A 13 -7.80 0.12 -0.54
HN2 NH2 A 13 -9.41 0.35 -1.04
C ACE A 1 -2.18 5.33 5.06
O ACE A 1 -1.17 4.73 4.76
CH3 ACE A 1 -2.23 6.24 6.28
H1 ACE A 1 -2.43 5.66 7.16
H2 ACE A 1 -3.02 6.99 6.14
H3 ACE A 1 -1.28 6.75 6.39
N CYS A 2 -3.28 5.22 4.34
CA CYS A 2 -3.30 4.33 3.14
C CYS A 2 -3.10 5.16 1.87
N ARG A 3 -1.88 5.30 1.41
CA ARG A 3 -1.64 6.11 0.17
C ARG A 3 -0.51 5.52 -0.67
N VAL A 4 0.39 4.82 -0.06
CA VAL A 4 1.54 4.25 -0.82
C VAL A 4 1.18 2.87 -1.38
N VAL A 5 1.97 2.38 -2.30
CA VAL A 5 1.70 1.05 -2.91
C VAL A 5 2.99 0.25 -3.00
N ARG A 6 3.82 0.58 -3.93
CA ARG A 6 5.11 -0.17 -4.08
C ARG A 6 6.07 0.26 -2.99
N GLY A 7 6.57 -0.71 -2.28
CA GLY A 7 7.47 -0.42 -1.13
C GLY A 7 6.64 -0.60 0.14
N ASP A 8 5.39 -0.21 0.06
CA ASP A 8 4.47 -0.36 1.21
C ASP A 8 3.04 -0.42 0.66
N TYR A 9 2.56 -1.59 0.33
CA TYR A 9 1.18 -1.68 -0.23
C TYR A 9 0.15 -1.56 0.89
N LEU A 10 -0.13 -0.35 1.29
CA LEU A 10 -1.11 -0.12 2.38
C LEU A 10 -2.34 0.58 1.78
N ASP A 11 -2.98 -0.04 0.82
CA ASP A 11 -4.15 0.61 0.19
C ASP A 11 -5.42 0.26 0.97
N CYS A 12 -6.32 1.19 1.11
CA CYS A 12 -7.57 0.93 1.88
C CYS A 12 -8.78 1.44 1.12
N NH2 A 13 -8.94 1.09 -0.13
HN1 NH2 A 13 -8.28 0.51 -0.57
HN2 NH2 A 13 -9.72 1.41 -0.63
C ACE A 1 -10.07 -0.45 -3.36
O ACE A 1 -10.09 0.09 -2.27
CH3 ACE A 1 -11.27 -0.38 -4.31
H1 ACE A 1 -11.80 0.55 -4.15
H2 ACE A 1 -11.94 -1.21 -4.11
H3 ACE A 1 -10.92 -0.43 -5.33
N CYS A 2 -9.02 -1.12 -3.76
CA CYS A 2 -7.81 -1.23 -2.89
C CYS A 2 -6.62 -0.55 -3.57
N ARG A 3 -5.94 0.30 -2.86
CA ARG A 3 -4.76 0.99 -3.46
C ARG A 3 -3.49 0.21 -3.13
N VAL A 4 -2.43 0.42 -3.86
CA VAL A 4 -1.17 -0.32 -3.57
C VAL A 4 0.05 0.52 -3.90
N VAL A 5 0.77 0.96 -2.90
CA VAL A 5 2.01 1.75 -3.16
C VAL A 5 3.17 0.76 -3.16
N ARG A 6 4.03 0.84 -4.15
CA ARG A 6 5.14 -0.15 -4.20
C ARG A 6 6.20 0.18 -3.16
N GLY A 7 6.37 -0.73 -2.24
CA GLY A 7 7.35 -0.53 -1.13
C GLY A 7 6.60 -0.71 0.19
N ASP A 8 5.40 -0.20 0.25
CA ASP A 8 4.58 -0.36 1.50
C ASP A 8 3.10 -0.32 1.13
N TYR A 9 2.63 -1.30 0.39
CA TYR A 9 1.18 -1.29 -0.03
C TYR A 9 0.29 -2.12 0.92
N LEU A 10 -0.97 -1.78 0.96
CA LEU A 10 -1.96 -2.51 1.80
C LEU A 10 -3.27 -2.63 1.01
N ASP A 11 -3.25 -3.35 -0.08
CA ASP A 11 -4.48 -3.47 -0.92
C ASP A 11 -5.31 -4.71 -0.53
N CYS A 12 -6.06 -4.61 0.55
CA CYS A 12 -6.92 -5.75 1.01
C CYS A 12 -6.38 -7.11 0.55
N NH2 A 13 -5.11 -7.38 0.70
HN1 NH2 A 13 -4.52 -6.72 1.12
HN2 NH2 A 13 -4.75 -8.23 0.40
C ACE A 1 -10.08 3.42 -2.14
O ACE A 1 -9.82 4.59 -1.93
CH3 ACE A 1 -11.36 3.01 -2.86
H1 ACE A 1 -11.53 1.96 -2.72
H2 ACE A 1 -11.27 3.22 -3.92
H3 ACE A 1 -12.20 3.57 -2.46
N CYS A 2 -9.26 2.47 -1.77
CA CYS A 2 -7.99 2.79 -1.07
C CYS A 2 -6.89 3.04 -2.10
N ARG A 3 -5.65 2.98 -1.69
CA ARG A 3 -4.53 3.22 -2.66
C ARG A 3 -3.35 2.30 -2.37
N VAL A 4 -2.80 1.68 -3.38
CA VAL A 4 -1.64 0.76 -3.18
C VAL A 4 -0.32 1.49 -3.40
N VAL A 5 0.72 1.10 -2.68
CA VAL A 5 2.05 1.77 -2.86
C VAL A 5 3.15 0.71 -3.07
N ARG A 6 4.06 0.97 -3.97
CA ARG A 6 5.14 -0.02 -4.23
C ARG A 6 6.25 0.14 -3.19
N GLY A 7 6.28 -0.77 -2.24
CA GLY A 7 7.30 -0.70 -1.17
C GLY A 7 6.59 -0.65 0.18
N ASP A 8 5.33 -0.28 0.19
CA ASP A 8 4.57 -0.22 1.46
C ASP A 8 3.08 -0.43 1.19
N TYR A 9 2.64 -1.65 1.24
CA TYR A 9 1.19 -1.92 0.96
C TYR A 9 0.34 -1.52 2.16
N LEU A 10 -0.90 -1.19 1.92
CA LEU A 10 -1.80 -0.76 3.02
C LEU A 10 -2.66 -1.93 3.51
N ASP A 11 -3.87 -1.66 3.90
CA ASP A 11 -4.77 -2.76 4.38
C ASP A 11 -6.20 -2.51 3.89
N CYS A 12 -6.44 -2.66 2.61
CA CYS A 12 -7.81 -2.43 2.09
C CYS A 12 -8.22 -3.56 1.14
N NH2 A 13 -7.80 -4.77 1.37
HN1 NH2 A 13 -7.22 -4.94 2.14
HN2 NH2 A 13 -8.07 -5.50 0.78
C ACE A 1 -4.35 5.57 4.29
O ACE A 1 -4.84 6.45 3.61
CH3 ACE A 1 -4.02 5.81 5.78
H1 ACE A 1 -3.54 6.77 5.88
H2 ACE A 1 -3.36 5.04 6.13
H3 ACE A 1 -4.93 5.79 6.35
N CYS A 2 -4.08 4.39 3.81
CA CYS A 2 -4.38 4.07 2.37
C CYS A 2 -3.78 5.14 1.45
N ARG A 3 -2.48 5.30 1.46
CA ARG A 3 -1.84 6.32 0.58
C ARG A 3 -0.50 5.83 0.02
N VAL A 4 -0.29 4.54 -0.04
CA VAL A 4 1.02 4.03 -0.56
C VAL A 4 0.82 2.75 -1.39
N VAL A 5 1.82 2.36 -2.15
CA VAL A 5 1.68 1.14 -3.00
C VAL A 5 2.98 0.32 -3.04
N ARG A 6 3.85 0.63 -3.96
CA ARG A 6 5.12 -0.14 -4.10
C ARG A 6 6.09 0.21 -2.98
N GLY A 7 6.56 -0.78 -2.29
CA GLY A 7 7.48 -0.55 -1.14
C GLY A 7 6.65 -0.59 0.15
N ASP A 8 5.40 -0.22 0.05
CA ASP A 8 4.50 -0.25 1.22
C ASP A 8 3.07 -0.47 0.73
N TYR A 9 2.68 -1.69 0.58
CA TYR A 9 1.31 -1.98 0.05
C TYR A 9 0.26 -1.83 1.15
N LEU A 10 0.18 -0.67 1.75
CA LEU A 10 -0.83 -0.43 2.81
C LEU A 10 -2.02 0.34 2.21
N ASP A 11 -2.75 -0.30 1.33
CA ASP A 11 -3.90 0.40 0.68
C ASP A 11 -5.20 0.08 1.42
N CYS A 12 -5.20 0.25 2.72
CA CYS A 12 -6.42 -0.01 3.55
C CYS A 12 -7.30 -1.10 2.93
N NH2 A 13 -6.75 -2.20 2.48
HN1 NH2 A 13 -5.78 -2.32 2.55
HN2 NH2 A 13 -7.31 -2.90 2.09
C ACE A 1 -1.47 3.95 6.28
O ACE A 1 -0.33 3.86 5.88
CH3 ACE A 1 -1.80 4.72 7.57
H1 ACE A 1 -1.04 5.47 7.74
H2 ACE A 1 -1.82 4.03 8.39
H3 ACE A 1 -2.76 5.19 7.47
N CYS A 2 -2.47 3.41 5.64
CA CYS A 2 -2.22 2.64 4.38
C CYS A 2 -2.55 3.52 3.16
N ARG A 3 -1.61 4.32 2.72
CA ARG A 3 -1.89 5.20 1.55
C ARG A 3 -0.74 5.11 0.53
N VAL A 4 -0.02 4.01 0.53
CA VAL A 4 1.12 3.85 -0.44
C VAL A 4 0.98 2.52 -1.18
N VAL A 5 1.78 2.29 -2.19
CA VAL A 5 1.66 1.01 -2.96
C VAL A 5 3.00 0.26 -3.02
N ARG A 6 3.83 0.60 -3.97
CA ARG A 6 5.13 -0.13 -4.11
C ARG A 6 6.11 0.28 -3.02
N GLY A 7 6.53 -0.68 -2.24
CA GLY A 7 7.44 -0.43 -1.09
C GLY A 7 6.62 -0.64 0.16
N ASP A 8 5.38 -0.24 0.11
CA ASP A 8 4.45 -0.41 1.24
C ASP A 8 3.05 -0.35 0.67
N TYR A 9 2.48 -1.47 0.35
CA TYR A 9 1.12 -1.46 -0.26
C TYR A 9 0.06 -1.21 0.79
N LEU A 10 -1.03 -0.61 0.40
CA LEU A 10 -2.12 -0.30 1.38
C LEU A 10 -3.17 -1.40 1.36
N ASP A 11 -2.76 -2.64 1.39
CA ASP A 11 -3.75 -3.75 1.40
C ASP A 11 -4.07 -4.08 2.86
N CYS A 12 -4.61 -3.11 3.55
CA CYS A 12 -4.94 -3.31 4.98
C CYS A 12 -6.42 -3.69 5.13
N NH2 A 13 -6.99 -4.42 4.21
HN1 NH2 A 13 -6.47 -4.72 3.44
HN2 NH2 A 13 -7.93 -4.66 4.30
#